data_8CKL
#
_entry.id   8CKL
#
_cell.length_a   106.106
_cell.length_b   30.770
_cell.length_c   84.172
_cell.angle_alpha   90.000
_cell.angle_beta   99.970
_cell.angle_gamma   90.000
#
_symmetry.space_group_name_H-M   'C 1 2 1'
#
loop_
_entity.id
_entity.type
_entity.pdbx_description
1 polymer Semaphorin-5A
2 branched 2,3,4,6-tetra-O-sulfonato-alpha-D-glucopyranose-(1-2)-1,3,4,6-tetra-O-sulfo-beta-D-fructofuranose
3 non-polymer alpha-D-mannopyranose
#
_entity_poly.entity_id   1
_entity_poly.type   'polypeptide(L)'
_entity_poly.pdbx_seq_one_letter_code
;ETGPHMFWTGWGPWERCTAQCGGGIQARRRICENGPDCAGCNVEYQSCNTNPCPELKKTTPWTPWTPVNISDNGGHYEQR
FRYTCKARLADPNLLEVGRQRIEMRYCSSDGTSGCSTGTLEVLFQ
;
_entity_poly.pdbx_strand_id   A,B
#
loop_
_chem_comp.id
_chem_comp.type
_chem_comp.name
_chem_comp.formula
GU4 D-saccharide, alpha linking 2,3,4,6-tetra-O-sulfonato-alpha-D-glucopyranose 'C6 H12 O18 S4'
MAN D-saccharide, alpha linking alpha-D-mannopyranose 'C6 H12 O6'
YYJ D-saccharide, beta linking 1,3,4,6-tetra-O-sulfo-beta-D-fructofuranose 'C6 H12 O18 S4'
#
# COMPACT_ATOMS: atom_id res chain seq x y z
N MET A 6 -6.85 39.85 -21.63
CA MET A 6 -6.74 38.68 -20.78
C MET A 6 -7.85 37.67 -21.09
N PHE A 7 -7.45 36.44 -21.39
CA PHE A 7 -8.38 35.38 -21.75
C PHE A 7 -7.83 34.04 -21.29
N TRP A 8 -8.73 33.15 -20.90
CA TRP A 8 -8.37 31.82 -20.44
C TRP A 8 -8.27 30.87 -21.63
N THR A 9 -7.16 30.15 -21.72
CA THR A 9 -7.02 29.14 -22.75
C THR A 9 -7.86 27.91 -22.40
N GLY A 10 -7.99 27.02 -23.37
CA GLY A 10 -8.74 25.79 -23.13
C GLY A 10 -8.07 24.91 -22.11
N TRP A 11 -8.88 24.13 -21.40
CA TRP A 11 -8.36 23.22 -20.39
C TRP A 11 -7.49 22.16 -21.06
N GLY A 12 -6.34 21.88 -20.46
CA GLY A 12 -5.45 20.89 -21.00
C GLY A 12 -5.86 19.48 -20.63
N PRO A 13 -5.16 18.51 -21.20
CA PRO A 13 -5.44 17.11 -20.88
C PRO A 13 -5.06 16.78 -19.44
N TRP A 14 -5.75 15.78 -18.89
CA TRP A 14 -5.46 15.35 -17.53
C TRP A 14 -4.07 14.72 -17.48
N GLU A 15 -3.36 14.97 -16.38
CA GLU A 15 -2.01 14.44 -16.22
C GLU A 15 -2.08 12.97 -15.83
N ARG A 16 -0.95 12.40 -15.44
CA ARG A 16 -0.91 10.99 -15.07
C ARG A 16 -1.36 10.82 -13.63
N CYS A 17 -2.20 9.83 -13.40
CA CYS A 17 -2.69 9.56 -12.06
C CYS A 17 -1.54 9.12 -11.16
N THR A 18 -1.51 9.65 -9.93
CA THR A 18 -0.39 9.36 -9.03
C THR A 18 -0.35 7.88 -8.66
N ALA A 19 -1.51 7.27 -8.45
CA ALA A 19 -1.59 5.86 -8.08
C ALA A 19 -2.35 5.10 -9.15
N GLN A 20 -1.86 3.89 -9.47
CA GLN A 20 -2.54 3.04 -10.43
C GLN A 20 -3.85 2.48 -9.88
N CYS A 21 -3.97 2.39 -8.56
CA CYS A 21 -5.18 1.89 -7.93
C CYS A 21 -5.24 2.41 -6.51
N GLY A 22 -6.44 2.31 -5.92
CA GLY A 22 -6.63 2.70 -4.53
C GLY A 22 -6.82 4.18 -4.29
N GLY A 23 -6.81 5.01 -5.33
CA GLY A 23 -7.00 6.43 -5.16
C GLY A 23 -5.81 7.28 -5.57
N GLY A 24 -6.00 8.08 -6.61
CA GLY A 24 -4.97 8.99 -7.07
C GLY A 24 -5.59 10.29 -7.51
N ILE A 25 -4.73 11.25 -7.85
CA ILE A 25 -5.15 12.59 -8.22
C ILE A 25 -4.64 12.93 -9.61
N GLN A 26 -5.52 13.49 -10.44
CA GLN A 26 -5.19 14.01 -11.76
C GLN A 26 -5.33 15.52 -11.74
N ALA A 27 -4.45 16.21 -12.45
CA ALA A 27 -4.42 17.66 -12.49
C ALA A 27 -4.59 18.15 -13.92
N ARG A 28 -5.45 19.15 -14.09
CA ARG A 28 -5.67 19.80 -15.38
C ARG A 28 -5.33 21.28 -15.25
N ARG A 29 -4.63 21.82 -16.25
CA ARG A 29 -4.11 23.17 -16.20
C ARG A 29 -4.55 23.99 -17.40
N ARG A 30 -4.67 25.30 -17.17
CA ARG A 30 -4.93 26.27 -18.22
C ARG A 30 -4.09 27.50 -17.91
N ILE A 31 -3.89 28.35 -18.93
CA ILE A 31 -2.97 29.47 -18.83
C ILE A 31 -3.72 30.78 -19.00
N CYS A 32 -3.47 31.72 -18.08
CA CYS A 32 -3.97 33.08 -18.20
C CYS A 32 -3.03 33.89 -19.07
N GLU A 33 -3.58 34.58 -20.07
CA GLU A 33 -2.77 35.28 -21.06
C GLU A 33 -2.74 36.78 -20.78
N ASN A 34 -1.54 37.35 -20.90
CA ASN A 34 -1.33 38.80 -20.83
C ASN A 34 -1.78 39.40 -19.49
N GLY A 35 -1.80 38.59 -18.43
CA GLY A 35 -2.20 39.09 -17.13
C GLY A 35 -1.86 38.15 -16.00
N PRO A 36 -1.63 38.71 -14.81
CA PRO A 36 -1.41 37.88 -13.62
C PRO A 36 -2.67 37.60 -12.81
N ASP A 37 -3.79 38.24 -13.13
CA ASP A 37 -5.04 38.09 -12.39
C ASP A 37 -6.19 37.85 -13.37
N CYS A 38 -6.43 36.58 -13.68
CA CYS A 38 -7.57 36.17 -14.49
C CYS A 38 -8.68 35.63 -13.60
N ALA A 39 -9.92 35.76 -14.08
CA ALA A 39 -11.07 35.26 -13.35
C ALA A 39 -11.21 33.76 -13.62
N GLY A 40 -10.99 32.94 -12.58
CA GLY A 40 -11.01 31.50 -12.67
C GLY A 40 -9.76 30.94 -12.04
N CYS A 41 -9.45 29.68 -12.35
CA CYS A 41 -8.31 29.01 -11.75
C CYS A 41 -7.45 28.33 -12.80
N ASN A 42 -6.15 28.34 -12.57
CA ASN A 42 -5.20 27.73 -13.49
C ASN A 42 -5.03 26.23 -13.29
N VAL A 43 -5.45 25.68 -12.15
CA VAL A 43 -5.25 24.27 -11.86
C VAL A 43 -6.52 23.68 -11.24
N GLU A 44 -6.87 22.47 -11.67
CA GLU A 44 -7.98 21.71 -11.10
C GLU A 44 -7.51 20.29 -10.80
N TYR A 45 -8.05 19.71 -9.74
CA TYR A 45 -7.70 18.36 -9.31
C TYR A 45 -8.94 17.49 -9.27
N GLN A 46 -8.79 16.25 -9.72
CA GLN A 46 -9.88 15.27 -9.72
C GLN A 46 -9.35 13.92 -9.26
N SER A 47 -10.27 13.05 -8.86
CA SER A 47 -9.92 11.71 -8.43
C SER A 47 -9.79 10.79 -9.64
N CYS A 48 -8.87 9.83 -9.53
CA CYS A 48 -8.61 8.90 -10.63
C CYS A 48 -8.16 7.56 -10.05
N ASN A 49 -8.39 6.50 -10.83
CA ASN A 49 -8.01 5.14 -10.44
C ASN A 49 -8.59 4.77 -9.08
N THR A 50 -9.90 4.95 -8.95
CA THR A 50 -10.59 4.63 -7.70
C THR A 50 -10.85 3.14 -7.52
N ASN A 51 -10.53 2.32 -8.51
CA ASN A 51 -10.73 0.89 -8.37
C ASN A 51 -9.82 0.35 -7.28
N PRO A 52 -10.30 -0.56 -6.43
CA PRO A 52 -9.44 -1.11 -5.37
C PRO A 52 -8.27 -1.89 -5.95
N CYS A 53 -7.14 -1.80 -5.25
CA CYS A 53 -5.94 -2.49 -5.70
C CYS A 53 -6.13 -4.00 -5.61
N PRO A 54 -5.52 -4.75 -6.51
CA PRO A 54 -5.65 -6.21 -6.46
C PRO A 54 -4.92 -6.77 -5.25
N GLU A 55 -5.34 -7.96 -4.84
CA GLU A 55 -4.74 -8.63 -3.69
C GLU A 55 -3.62 -9.54 -4.19
N LEU A 56 -2.39 -9.21 -3.80
CA LEU A 56 -1.22 -9.99 -4.17
C LEU A 56 -0.99 -11.04 -3.09
N LYS A 57 -0.76 -12.27 -3.52
CA LYS A 57 -0.56 -13.42 -2.64
C LYS A 57 0.81 -14.03 -2.96
N LYS A 58 1.65 -14.16 -1.94
CA LYS A 58 2.96 -14.78 -2.09
C LYS A 58 3.11 -15.88 -1.06
N THR A 59 3.46 -17.09 -1.51
CA THR A 59 3.58 -18.23 -0.62
C THR A 59 4.96 -18.28 0.01
N THR A 60 5.01 -18.67 1.27
CA THR A 60 6.26 -18.83 1.99
C THR A 60 6.96 -20.12 1.60
N PRO A 61 8.28 -20.20 1.79
CA PRO A 61 8.98 -21.46 1.53
C PRO A 61 8.47 -22.58 2.43
N TRP A 62 8.54 -23.80 1.91
CA TRP A 62 8.05 -24.95 2.65
C TRP A 62 8.86 -25.18 3.92
N THR A 63 8.16 -25.58 4.99
CA THR A 63 8.82 -25.98 6.21
C THR A 63 9.57 -27.29 5.99
N PRO A 64 10.70 -27.50 6.68
CA PRO A 64 11.39 -28.78 6.56
C PRO A 64 10.49 -29.94 6.97
N TRP A 65 10.63 -31.06 6.26
CA TRP A 65 9.82 -32.24 6.55
C TRP A 65 10.08 -32.72 7.98
N THR A 66 9.01 -32.89 8.74
CA THR A 66 9.10 -33.37 10.10
C THR A 66 8.15 -34.54 10.31
N PRO A 67 8.53 -35.52 11.12
CA PRO A 67 7.63 -36.63 11.40
C PRO A 67 6.43 -36.18 12.22
N VAL A 68 5.32 -36.89 12.05
CA VAL A 68 4.10 -36.58 12.77
C VAL A 68 4.11 -37.22 14.15
N HIS A 76 5.91 -44.52 8.92
CA HIS A 76 5.44 -43.30 9.56
C HIS A 76 5.03 -42.23 8.56
N TYR A 77 4.41 -41.17 9.07
CA TYR A 77 3.93 -40.05 8.27
C TYR A 77 4.81 -38.83 8.48
N GLU A 78 5.00 -38.05 7.41
CA GLU A 78 5.76 -36.81 7.46
C GLU A 78 4.89 -35.67 6.94
N GLN A 79 5.05 -34.49 7.54
CA GLN A 79 4.27 -33.33 7.16
C GLN A 79 5.15 -32.09 7.17
N ARG A 80 4.77 -31.11 6.35
CA ARG A 80 5.45 -29.82 6.30
C ARG A 80 4.40 -28.74 6.06
N PHE A 81 4.74 -27.52 6.44
CA PHE A 81 3.78 -26.42 6.47
C PHE A 81 4.28 -25.24 5.66
N ARG A 82 3.33 -24.40 5.23
CA ARG A 82 3.64 -23.18 4.52
C ARG A 82 2.49 -22.20 4.72
N TYR A 83 2.79 -20.92 4.52
CA TYR A 83 1.82 -19.85 4.69
C TYR A 83 1.82 -18.96 3.47
N THR A 84 0.84 -18.07 3.42
CA THR A 84 0.70 -17.12 2.32
C THR A 84 0.53 -15.71 2.87
N CYS A 85 1.20 -14.76 2.22
CA CYS A 85 1.10 -13.35 2.56
C CYS A 85 0.18 -12.67 1.55
N LYS A 86 -0.82 -11.95 2.05
CA LYS A 86 -1.80 -11.28 1.23
C LYS A 86 -1.72 -9.78 1.49
N ALA A 87 -1.68 -8.99 0.42
CA ALA A 87 -1.58 -7.54 0.58
C ALA A 87 -2.18 -6.85 -0.63
N ARG A 88 -2.91 -5.76 -0.38
CA ARG A 88 -3.50 -4.97 -1.47
C ARG A 88 -2.47 -3.95 -1.92
N LEU A 89 -1.80 -4.23 -3.03
CA LEU A 89 -0.72 -3.40 -3.53
C LEU A 89 -0.78 -3.35 -5.05
N ALA A 90 -0.08 -2.36 -5.61
CA ALA A 90 0.03 -2.22 -7.06
C ALA A 90 1.31 -2.83 -7.61
N ASP A 91 2.38 -2.88 -6.81
CA ASP A 91 3.65 -3.43 -7.25
C ASP A 91 3.95 -4.69 -6.45
N PRO A 92 4.10 -5.85 -7.10
CA PRO A 92 4.43 -7.08 -6.35
C PRO A 92 5.75 -7.01 -5.62
N ASN A 93 6.69 -6.17 -6.06
CA ASN A 93 7.98 -6.06 -5.37
C ASN A 93 7.85 -5.42 -4.00
N LEU A 94 6.73 -4.76 -3.71
CA LEU A 94 6.52 -4.15 -2.40
C LEU A 94 6.13 -5.16 -1.34
N LEU A 95 5.76 -6.37 -1.73
CA LEU A 95 5.41 -7.44 -0.80
C LEU A 95 6.54 -8.46 -0.79
N GLU A 96 7.02 -8.81 0.40
CA GLU A 96 8.12 -9.75 0.55
C GLU A 96 7.90 -10.63 1.77
N VAL A 97 8.51 -11.81 1.73
CA VAL A 97 8.45 -12.78 2.82
C VAL A 97 9.79 -12.76 3.53
N GLY A 98 9.76 -12.70 4.86
CA GLY A 98 10.97 -12.58 5.64
C GLY A 98 11.69 -13.91 5.81
N ARG A 99 12.70 -13.89 6.67
CA ARG A 99 13.52 -15.06 6.90
C ARG A 99 12.77 -16.08 7.74
N GLN A 100 13.22 -17.34 7.63
CA GLN A 100 12.61 -18.43 8.40
C GLN A 100 13.16 -18.39 9.83
N ARG A 101 12.25 -18.26 10.78
CA ARG A 101 12.59 -18.24 12.20
C ARG A 101 12.15 -19.55 12.84
N ILE A 102 13.06 -20.18 13.57
CA ILE A 102 12.81 -21.49 14.17
C ILE A 102 12.95 -21.37 15.69
N GLU A 103 11.99 -21.94 16.41
CA GLU A 103 11.99 -21.96 17.87
C GLU A 103 12.11 -23.41 18.35
N MET A 104 12.95 -23.60 19.37
CA MET A 104 13.24 -24.93 19.89
C MET A 104 13.02 -24.99 21.39
N ARG A 105 12.64 -26.17 21.88
CA ARG A 105 12.44 -26.41 23.29
C ARG A 105 12.66 -27.90 23.55
N TYR A 106 12.87 -28.24 24.82
CA TYR A 106 13.11 -29.62 25.22
C TYR A 106 11.93 -30.14 26.03
N CYS A 107 11.52 -31.36 25.72
CA CYS A 107 10.44 -32.05 26.44
C CYS A 107 10.96 -33.39 26.93
N SER A 108 10.62 -33.73 28.17
CA SER A 108 11.05 -35.01 28.76
C SER A 108 9.86 -35.92 29.00
N MET B 6 -15.57 43.42 -4.63
CA MET B 6 -14.93 42.11 -4.65
C MET B 6 -13.81 42.05 -3.60
N PHE B 7 -13.88 41.06 -2.72
CA PHE B 7 -12.89 40.90 -1.67
C PHE B 7 -12.74 39.42 -1.34
N TRP B 8 -11.49 39.01 -1.10
CA TRP B 8 -11.18 37.63 -0.74
C TRP B 8 -11.16 37.46 0.77
N THR B 9 -11.86 36.45 1.26
CA THR B 9 -11.85 36.14 2.68
C THR B 9 -10.53 35.48 3.07
N GLY B 10 -10.32 35.34 4.38
CA GLY B 10 -9.12 34.69 4.88
C GLY B 10 -9.08 33.22 4.51
N TRP B 11 -7.86 32.71 4.36
CA TRP B 11 -7.68 31.32 3.98
C TRP B 11 -8.16 30.36 5.07
N GLY B 12 -8.87 29.32 4.66
CA GLY B 12 -9.35 28.31 5.56
C GLY B 12 -8.27 27.29 5.89
N PRO B 13 -8.62 26.36 6.77
CA PRO B 13 -7.67 25.30 7.13
C PRO B 13 -7.37 24.40 5.94
N TRP B 14 -6.18 23.79 5.98
CA TRP B 14 -5.73 22.91 4.91
C TRP B 14 -6.53 21.61 4.81
N GLU B 15 -7.41 21.33 5.77
CA GLU B 15 -8.21 20.10 5.78
C GLU B 15 -7.32 18.86 5.92
N ARG B 16 -7.91 17.69 5.69
CA ARG B 16 -7.19 16.44 5.85
C ARG B 16 -6.43 16.08 4.58
N CYS B 17 -5.19 15.63 4.76
CA CYS B 17 -4.37 15.19 3.64
C CYS B 17 -4.99 13.97 2.97
N THR B 18 -4.96 13.96 1.63
CA THR B 18 -5.60 12.88 0.89
C THR B 18 -4.95 11.53 1.18
N ALA B 19 -3.63 11.50 1.31
CA ALA B 19 -2.90 10.27 1.59
C ALA B 19 -2.16 10.39 2.91
N GLN B 20 -2.18 9.32 3.70
CA GLN B 20 -1.47 9.32 4.98
C GLN B 20 0.04 9.27 4.77
N CYS B 21 0.49 8.70 3.65
CA CYS B 21 1.91 8.63 3.35
C CYS B 21 2.07 8.44 1.85
N GLY B 22 3.29 8.68 1.37
CA GLY B 22 3.60 8.50 -0.04
C GLY B 22 3.21 9.64 -0.95
N GLY B 23 2.62 10.71 -0.41
CA GLY B 23 2.25 11.85 -1.22
C GLY B 23 0.76 12.12 -1.29
N GLY B 24 0.34 13.26 -0.71
CA GLY B 24 -1.05 13.66 -0.76
C GLY B 24 -1.15 15.17 -0.90
N ILE B 25 -2.38 15.64 -1.08
CA ILE B 25 -2.64 17.06 -1.28
C ILE B 25 -3.63 17.55 -0.24
N GLN B 26 -3.35 18.73 0.31
CA GLN B 26 -4.25 19.43 1.22
C GLN B 26 -4.81 20.66 0.52
N ALA B 27 -6.09 20.93 0.75
CA ALA B 27 -6.78 22.03 0.10
C ALA B 27 -7.35 22.98 1.14
N ARG B 28 -7.13 24.28 0.92
CA ARG B 28 -7.71 25.33 1.76
C ARG B 28 -8.55 26.24 0.88
N ARG B 29 -9.69 26.69 1.41
CA ARG B 29 -10.67 27.41 0.62
C ARG B 29 -10.97 28.78 1.20
N ARG B 30 -11.33 29.71 0.31
CA ARG B 30 -11.74 31.06 0.67
C ARG B 30 -12.91 31.46 -0.22
N ILE B 31 -13.63 32.51 0.20
CA ILE B 31 -14.87 32.93 -0.45
C ILE B 31 -14.69 34.35 -0.98
N CYS B 32 -15.12 34.57 -2.23
CA CYS B 32 -15.13 35.90 -2.81
C CYS B 32 -16.38 36.65 -2.37
N GLU B 33 -16.19 37.86 -1.84
CA GLU B 33 -17.27 38.63 -1.24
C GLU B 33 -17.73 39.76 -2.15
N ASN B 34 -19.06 39.94 -2.21
CA ASN B 34 -19.68 41.06 -2.90
C ASN B 34 -19.35 41.10 -4.39
N GLY B 35 -19.03 39.95 -4.97
CA GLY B 35 -18.74 39.88 -6.38
C GLY B 35 -18.71 38.47 -6.93
N PRO B 36 -19.06 38.31 -8.21
CA PRO B 36 -18.96 37.01 -8.85
C PRO B 36 -17.65 36.77 -9.59
N ASP B 37 -16.81 37.80 -9.72
CA ASP B 37 -15.55 37.72 -10.46
C ASP B 37 -14.44 38.35 -9.60
N CYS B 38 -13.79 37.54 -8.79
CA CYS B 38 -12.63 37.97 -8.03
C CYS B 38 -11.35 37.55 -8.73
N ALA B 39 -10.29 38.34 -8.56
CA ALA B 39 -9.00 38.04 -9.15
C ALA B 39 -8.26 37.06 -8.25
N GLY B 40 -8.06 35.84 -8.73
CA GLY B 40 -7.41 34.81 -7.93
C GLY B 40 -8.26 33.56 -7.89
N CYS B 41 -7.98 32.72 -6.90
CA CYS B 41 -8.66 31.44 -6.74
C CYS B 41 -9.18 31.27 -5.32
N ASN B 42 -10.31 30.58 -5.23
CA ASN B 42 -10.97 30.31 -3.95
C ASN B 42 -10.33 29.13 -3.22
N VAL B 43 -9.51 28.34 -3.89
CA VAL B 43 -8.93 27.13 -3.30
C VAL B 43 -7.46 27.06 -3.66
N GLU B 44 -6.64 26.63 -2.70
CA GLU B 44 -5.22 26.39 -2.89
C GLU B 44 -4.88 24.99 -2.43
N TYR B 45 -3.92 24.37 -3.11
CA TYR B 45 -3.49 23.01 -2.86
C TYR B 45 -2.01 22.98 -2.53
N GLN B 46 -1.64 22.15 -1.57
CA GLN B 46 -0.24 21.98 -1.18
C GLN B 46 0.05 20.51 -0.97
N SER B 47 1.33 20.16 -1.00
CA SER B 47 1.73 18.78 -0.77
C SER B 47 1.81 18.49 0.73
N CYS B 48 1.46 17.27 1.09
CA CYS B 48 1.47 16.84 2.49
C CYS B 48 1.73 15.35 2.56
N ASN B 49 2.31 14.92 3.68
CA ASN B 49 2.61 13.51 3.94
C ASN B 49 3.44 12.91 2.81
N THR B 50 4.53 13.60 2.46
CA THR B 50 5.42 13.12 1.41
C THR B 50 6.40 12.05 1.88
N ASN B 51 6.41 11.75 3.18
CA ASN B 51 7.29 10.73 3.70
C ASN B 51 6.91 9.35 3.15
N PRO B 52 7.90 8.52 2.81
CA PRO B 52 7.59 7.18 2.30
C PRO B 52 6.85 6.36 3.35
N CYS B 53 5.95 5.50 2.87
CA CYS B 53 5.14 4.71 3.78
C CYS B 53 6.00 3.70 4.54
N PRO B 54 5.67 3.44 5.81
CA PRO B 54 6.46 2.49 6.60
C PRO B 54 6.24 1.05 6.14
N GLU B 55 7.20 0.20 6.49
CA GLU B 55 7.14 -1.23 6.17
C GLU B 55 6.46 -1.96 7.31
N LEU B 56 5.29 -2.52 7.04
CA LEU B 56 4.51 -3.25 8.02
C LEU B 56 4.89 -4.72 8.01
N LYS B 57 5.06 -5.28 9.21
CA LYS B 57 5.49 -6.66 9.39
C LYS B 57 4.44 -7.42 10.19
N LYS B 58 3.97 -8.55 9.65
CA LYS B 58 3.05 -9.42 10.34
C LYS B 58 3.60 -10.84 10.36
N THR B 59 3.69 -11.44 11.55
CA THR B 59 4.25 -12.77 11.70
C THR B 59 3.17 -13.82 11.47
N THR B 60 3.56 -14.92 10.83
CA THR B 60 2.64 -16.03 10.61
C THR B 60 2.46 -16.81 11.91
N PRO B 61 1.34 -17.52 12.05
CA PRO B 61 1.16 -18.37 13.23
C PRO B 61 2.22 -19.46 13.28
N TRP B 62 2.60 -19.84 14.50
CA TRP B 62 3.61 -20.88 14.68
C TRP B 62 3.11 -22.22 14.16
N THR B 63 4.01 -22.96 13.52
CA THR B 63 3.70 -24.33 13.14
C THR B 63 3.59 -25.20 14.40
N PRO B 64 2.80 -26.27 14.35
CA PRO B 64 2.71 -27.17 15.52
C PRO B 64 4.08 -27.72 15.89
N TRP B 65 4.30 -27.87 17.19
CA TRP B 65 5.56 -28.41 17.69
C TRP B 65 5.77 -29.82 17.15
N THR B 66 6.94 -30.06 16.56
CA THR B 66 7.28 -31.36 16.02
C THR B 66 8.62 -31.82 16.56
N PRO B 67 8.79 -33.12 16.80
CA PRO B 67 10.09 -33.62 17.26
C PRO B 67 11.16 -33.48 16.19
N VAL B 68 12.40 -33.35 16.65
CA VAL B 68 13.53 -33.21 15.73
C VAL B 68 14.00 -34.58 15.26
N HIS B 76 13.16 -35.58 24.48
CA HIS B 76 13.56 -35.21 23.13
C HIS B 76 13.36 -33.72 22.94
N TYR B 77 13.78 -33.20 21.78
CA TYR B 77 13.65 -31.80 21.47
C TYR B 77 12.51 -31.57 20.48
N GLU B 78 11.84 -30.43 20.62
CA GLU B 78 10.75 -30.02 19.76
C GLU B 78 11.10 -28.71 19.09
N GLN B 79 10.66 -28.56 17.83
CA GLN B 79 10.94 -27.37 17.06
C GLN B 79 9.70 -26.96 16.29
N ARG B 80 9.58 -25.66 16.03
CA ARG B 80 8.49 -25.13 15.22
C ARG B 80 8.99 -23.93 14.45
N PHE B 81 8.32 -23.64 13.33
CA PHE B 81 8.76 -22.62 12.40
C PHE B 81 7.66 -21.59 12.17
N ARG B 82 8.07 -20.40 11.77
CA ARG B 82 7.14 -19.35 11.39
C ARG B 82 7.86 -18.37 10.47
N TYR B 83 7.06 -17.59 9.74
CA TYR B 83 7.58 -16.62 8.78
C TYR B 83 6.99 -15.26 9.07
N THR B 84 7.52 -14.25 8.38
CA THR B 84 7.05 -12.87 8.52
C THR B 84 6.78 -12.30 7.14
N CYS B 85 5.66 -11.59 7.02
CA CYS B 85 5.29 -10.90 5.80
C CYS B 85 5.54 -9.41 5.97
N LYS B 86 6.27 -8.83 5.02
CA LYS B 86 6.64 -7.42 5.06
C LYS B 86 6.08 -6.73 3.83
N ALA B 87 5.44 -5.58 4.03
CA ALA B 87 4.84 -4.87 2.90
C ALA B 87 4.80 -3.38 3.18
N ARG B 88 5.05 -2.58 2.15
CA ARG B 88 5.02 -1.12 2.28
C ARG B 88 3.57 -0.66 2.10
N LEU B 89 2.90 -0.36 3.21
CA LEU B 89 1.50 0.00 3.21
C LEU B 89 1.24 1.08 4.25
N ALA B 90 0.10 1.75 4.11
CA ALA B 90 -0.33 2.77 5.05
C ALA B 90 -1.26 2.22 6.12
N ASP B 91 -2.04 1.18 5.82
CA ASP B 91 -2.99 0.61 6.76
C ASP B 91 -2.56 -0.80 7.10
N PRO B 92 -2.29 -1.11 8.38
CA PRO B 92 -1.95 -2.49 8.73
C PRO B 92 -3.04 -3.49 8.42
N ASN B 93 -4.30 -3.05 8.36
CA ASN B 93 -5.40 -3.95 8.03
C ASN B 93 -5.34 -4.43 6.59
N LEU B 94 -4.56 -3.76 5.73
CA LEU B 94 -4.41 -4.19 4.35
C LEU B 94 -3.43 -5.34 4.20
N LEU B 95 -2.66 -5.66 5.24
CA LEU B 95 -1.75 -6.79 5.24
C LEU B 95 -2.31 -7.89 6.10
N GLU B 96 -2.37 -9.11 5.56
CA GLU B 96 -2.93 -10.24 6.27
C GLU B 96 -2.12 -11.50 5.95
N VAL B 97 -2.19 -12.46 6.86
CA VAL B 97 -1.52 -13.74 6.72
C VAL B 97 -2.56 -14.78 6.35
N GLY B 98 -2.28 -15.59 5.34
CA GLY B 98 -3.23 -16.54 4.81
C GLY B 98 -3.35 -17.80 5.62
N ARG B 99 -4.05 -18.76 5.04
CA ARG B 99 -4.33 -20.03 5.70
C ARG B 99 -3.08 -20.91 5.73
N GLN B 100 -3.05 -21.84 6.69
CA GLN B 100 -1.96 -22.78 6.81
C GLN B 100 -2.14 -23.92 5.82
N ARG B 101 -1.16 -24.13 4.95
CA ARG B 101 -1.18 -25.20 3.97
C ARG B 101 -0.22 -26.29 4.40
N ILE B 102 -0.71 -27.53 4.43
CA ILE B 102 0.06 -28.66 4.92
C ILE B 102 0.19 -29.71 3.83
N GLU B 103 1.39 -30.26 3.69
CA GLU B 103 1.66 -31.37 2.78
C GLU B 103 2.02 -32.59 3.61
N MET B 104 1.45 -33.74 3.27
CA MET B 104 1.63 -34.95 4.05
C MET B 104 2.08 -36.09 3.15
N ARG B 105 2.86 -37.00 3.73
CA ARG B 105 3.31 -38.19 3.02
C ARG B 105 3.63 -39.29 4.03
N TYR B 106 3.68 -40.52 3.53
CA TYR B 106 3.93 -41.69 4.36
C TYR B 106 5.29 -42.30 4.02
N CYS B 107 6.03 -42.67 5.06
CA CYS B 107 7.33 -43.32 4.89
C CYS B 107 7.37 -44.66 5.61
N LEU B 120 18.58 -48.69 -1.77
CA LEU B 120 19.33 -49.94 -1.69
C LEU B 120 19.51 -50.56 -3.07
N GLU B 121 20.78 -50.71 -3.48
CA GLU B 121 21.13 -51.32 -4.75
C GLU B 121 22.06 -52.49 -4.45
N VAL B 122 21.54 -53.70 -4.55
CA VAL B 122 22.32 -54.91 -4.23
C VAL B 122 23.12 -55.30 -5.46
N LEU B 123 24.45 -55.32 -5.32
CA LEU B 123 25.36 -55.67 -6.40
C LEU B 123 25.87 -57.09 -6.16
N PHE B 124 25.30 -58.06 -6.88
CA PHE B 124 25.63 -59.46 -6.69
C PHE B 124 26.65 -59.97 -7.69
N GLN B 125 27.68 -59.18 -7.99
CA GLN B 125 28.75 -59.56 -8.90
C GLN B 125 28.18 -59.96 -10.27
C1 YYJ C . -10.40 -13.92 1.82
C2 YYJ C . -10.80 -14.84 0.70
C3 YYJ C . -10.60 -14.22 -0.69
C4 YYJ C . -11.59 -15.06 -1.51
C5 YYJ C . -12.78 -15.17 -0.56
C6 YYJ C . -13.61 -16.43 -0.72
O1 YYJ C . -11.12 -14.30 3.02
O1S1 YYJ C . -12.75 -13.93 4.76
O1S3 YYJ C . -8.36 -12.46 -0.08
O1S4 YYJ C . -12.73 -16.13 -4.08
O1S6 YYJ C . -16.21 -17.58 1.71
O2 YYJ C . -10.06 -16.02 0.82
O2S1 YYJ C . -13.20 -13.18 2.58
O2S3 YYJ C . -8.80 -12.43 -2.54
O2S4 YYJ C . -10.43 -15.52 -4.15
O2S6 YYJ C . -16.35 -17.71 -0.82
O3 YYJ C . -9.24 -14.40 -1.20
O3S1 YYJ C . -11.47 -12.01 3.73
O3S3 YYJ C . -7.00 -13.67 -1.62
O3S4 YYJ C . -12.26 -14.08 -5.11
O3S6 YYJ C . -14.63 -18.76 0.45
O4 YYJ C . -11.99 -14.32 -2.70
O5 YYJ C . -12.20 -15.16 0.76
O6 YYJ C . -14.64 -16.38 0.30
S1 YYJ C . -12.14 -13.28 3.63
S3 YYJ C . -8.35 -13.11 -1.35
S4 YYJ C . -11.77 -14.99 -4.10
S6 YYJ C . -15.60 -17.62 0.42
C1 GU4 C . -10.11 -17.41 1.28
O5 GU4 C . -10.77 -18.43 0.44
C5 GU4 C . -9.96 -18.85 -0.72
C6 GU4 C . -10.52 -20.12 -1.26
O6 GU4 C . -11.64 -19.87 -2.05
S6 GU4 C . -12.41 -21.22 -2.58
O22 GU4 C . -13.54 -20.88 -3.51
O23 GU4 C . -11.52 -22.02 -3.50
O21 GU4 C . -12.89 -22.05 -1.41
C4 GU4 C . -8.48 -19.14 -0.38
O4 GU4 C . -7.72 -19.15 -1.59
S4 GU4 C . -6.66 -20.40 -1.77
O25 GU4 C . -5.26 -19.99 -1.36
O26 GU4 C . -6.46 -20.73 -3.23
O24 GU4 C . -7.13 -21.60 -0.99
C3 GU4 C . -7.88 -18.17 0.55
O3 GU4 C . -6.61 -18.76 1.00
S3 GU4 C . -5.36 -17.70 1.16
O28 GU4 C . -4.08 -18.23 0.56
O29 GU4 C . -4.98 -17.59 2.61
O27 GU4 C . -5.73 -16.35 0.59
C2 GU4 C . -8.73 -17.88 1.73
O2 GU4 C . -8.12 -16.86 2.53
S2 GU4 C . -8.43 -16.92 4.15
O11 GU4 C . -7.82 -15.74 4.87
O12 GU4 C . -9.90 -16.70 4.45
O10 GU4 C . -7.95 -18.22 4.74
C1 MAN D . -12.49 24.07 -19.66
C2 MAN D . -12.73 25.45 -20.25
C3 MAN D . -14.02 25.44 -21.07
C4 MAN D . -15.19 24.89 -20.26
C5 MAN D . -14.83 23.56 -19.58
C6 MAN D . -14.66 22.41 -20.55
O2 MAN D . -11.63 25.82 -21.08
O3 MAN D . -13.84 24.73 -22.29
O4 MAN D . -15.57 25.83 -19.25
O5 MAN D . -13.60 23.69 -18.85
O6 MAN D . -14.32 21.21 -19.86
C1 MAN E . -11.40 32.48 -17.89
C2 MAN E . -11.71 33.98 -17.93
C3 MAN E . -13.14 34.21 -18.36
C4 MAN E . -14.12 33.39 -17.52
C5 MAN E . -13.69 31.93 -17.43
C6 MAN E . -13.83 31.16 -18.73
O2 MAN E . -10.81 34.62 -18.82
O3 MAN E . -13.30 33.94 -19.76
O4 MAN E . -14.21 33.94 -16.21
O5 MAN E . -12.32 31.83 -17.01
O6 MAN E . -13.42 29.81 -18.58
C1 MAN F . -8.23 38.41 -3.96
C2 MAN F . -8.63 39.54 -4.89
C3 MAN F . -7.59 40.66 -4.82
C4 MAN F . -6.18 40.13 -5.05
C5 MAN F . -5.90 38.91 -4.17
C6 MAN F . -5.78 39.23 -2.69
O2 MAN F . -9.91 40.04 -4.53
O3 MAN F . -7.69 41.37 -3.59
O4 MAN F . -6.01 39.76 -6.41
O5 MAN F . -6.94 37.93 -4.31
O6 MAN F . -5.50 38.06 -1.93
C1 MAN G . -4.29 33.26 3.21
C2 MAN G . -4.42 34.75 3.54
C3 MAN G . -3.97 35.01 4.97
C4 MAN G . -2.57 34.44 5.22
C5 MAN G . -2.47 32.98 4.75
C6 MAN G . -3.26 32.02 5.60
O2 MAN G . -5.78 35.15 3.37
O3 MAN G . -4.91 34.51 5.91
O4 MAN G . -1.59 35.22 4.52
O5 MAN G . -2.94 32.85 3.40
O6 MAN G . -3.14 30.68 5.10
#